data_4YYI
#
_entry.id   4YYI
#
_cell.length_a   24.746
_cell.length_b   34.602
_cell.length_c   129.361
_cell.angle_alpha   88.790
_cell.angle_beta   90.000
_cell.angle_gamma   68.920
#
_symmetry.space_group_name_H-M   'P 1'
#
loop_
_entity.id
_entity.type
_entity.pdbx_description
1 polymer 'Bromodomain-containing protein 9'
2 polymer 'Histone H4'
3 water water
#
loop_
_entity_poly.entity_id
_entity_poly.type
_entity_poly.pdbx_seq_one_letter_code
_entity_poly.pdbx_strand_id
1 'polypeptide(L)'
;GSAENESTPIQQLLEHFLRQLQRKDPHGFFAFPVTDAIAPGYSMIIKHPMDFGTMKDKIVANEYKSVTEFKADFKLMCDN
AMTYNRPDTVYYKLAKKILHAGFKMMSK
;
A,B,D,E
2 'polypeptide(L)' SGRG(ALY)GG(ALY)GLG C,F
#
# COMPACT_ATOMS: atom_id res chain seq x y z
N THR A 8 -3.94 -24.37 14.69
CA THR A 8 -4.90 -23.56 15.49
C THR A 8 -5.27 -22.25 14.83
N PRO A 9 -6.24 -21.55 15.46
CA PRO A 9 -6.50 -20.20 15.00
C PRO A 9 -5.43 -19.23 15.37
N ILE A 10 -4.75 -19.38 16.51
CA ILE A 10 -3.70 -18.40 16.65
C ILE A 10 -2.75 -18.64 15.50
N GLN A 11 -2.54 -19.86 15.03
CA GLN A 11 -1.58 -20.09 13.96
C GLN A 11 -1.95 -19.31 12.66
N GLN A 12 -3.23 -19.33 12.27
CA GLN A 12 -3.72 -18.52 11.15
C GLN A 12 -3.33 -17.05 11.32
N LEU A 13 -3.59 -16.51 12.49
CA LEU A 13 -3.36 -15.12 12.75
C LEU A 13 -1.90 -14.81 12.60
N LEU A 14 -1.09 -15.62 13.27
CA LEU A 14 0.36 -15.33 13.24
C LEU A 14 0.94 -15.57 11.88
N GLU A 15 0.48 -16.60 11.19
CA GLU A 15 0.98 -16.76 9.78
C GLU A 15 0.72 -15.60 8.87
N HIS A 16 -0.44 -14.92 9.06
CA HIS A 16 -0.72 -13.76 8.26
C HIS A 16 0.23 -12.61 8.68
N PHE A 17 0.30 -12.26 9.96
CA PHE A 17 1.22 -11.21 10.40
C PHE A 17 2.63 -11.52 9.87
N LEU A 18 3.05 -12.80 9.93
CA LEU A 18 4.40 -13.09 9.43
C LEU A 18 4.58 -12.78 7.93
N ARG A 19 3.61 -13.15 7.13
CA ARG A 19 3.80 -12.98 5.73
C ARG A 19 3.82 -11.48 5.41
N GLN A 20 2.99 -10.68 6.09
CA GLN A 20 2.96 -9.24 5.97
C GLN A 20 4.26 -8.58 6.40
N LEU A 21 4.81 -9.08 7.51
CA LEU A 21 6.14 -8.54 7.92
C LEU A 21 7.23 -8.93 6.91
N GLN A 22 7.23 -10.17 6.46
CA GLN A 22 8.27 -10.63 5.59
C GLN A 22 8.22 -9.93 4.18
N ARG A 23 7.08 -9.45 3.68
CA ARG A 23 7.00 -8.73 2.47
C ARG A 23 7.77 -7.41 2.56
N LYS A 24 7.92 -6.91 3.79
CA LYS A 24 8.74 -5.64 4.01
C LYS A 24 10.24 -5.85 3.86
N ASP A 25 10.64 -7.10 3.66
CA ASP A 25 12.06 -7.48 3.57
C ASP A 25 12.36 -8.26 2.23
N PRO A 26 12.16 -7.52 1.06
CA PRO A 26 12.36 -8.24 -0.22
C PRO A 26 13.69 -8.93 -0.49
N HIS A 27 14.80 -8.43 0.11
CA HIS A 27 16.13 -9.09 -0.01
C HIS A 27 16.30 -10.25 0.97
N GLY A 28 15.37 -10.39 1.89
CA GLY A 28 15.49 -11.46 2.94
C GLY A 28 16.73 -11.30 3.81
N PHE A 29 17.00 -10.06 4.19
CA PHE A 29 17.99 -9.82 5.24
C PHE A 29 17.73 -10.52 6.55
N PHE A 30 16.40 -10.72 6.78
CA PHE A 30 15.95 -11.28 8.10
C PHE A 30 15.39 -12.63 7.86
N ALA A 31 15.59 -13.25 6.68
CA ALA A 31 14.89 -14.56 6.39
C ALA A 31 15.53 -15.71 7.16
N PHE A 32 16.85 -15.66 7.43
CA PHE A 32 17.65 -16.76 7.91
C PHE A 32 18.58 -16.36 9.05
N PRO A 33 18.98 -17.32 9.94
CA PRO A 33 19.89 -16.92 11.06
C PRO A 33 21.10 -16.25 10.44
N VAL A 34 21.59 -15.21 11.12
CA VAL A 34 22.98 -14.64 10.80
C VAL A 34 24.16 -15.53 11.25
N THR A 35 25.21 -15.71 10.48
CA THR A 35 26.31 -16.52 11.02
C THR A 35 27.52 -15.63 11.23
N ASP A 36 28.45 -16.01 12.13
CA ASP A 36 29.65 -15.17 12.27
C ASP A 36 30.47 -14.99 10.99
N ALA A 37 30.47 -15.96 10.08
CA ALA A 37 31.13 -15.72 8.78
C ALA A 37 30.61 -14.60 7.86
N ILE A 38 29.31 -14.33 7.85
CA ILE A 38 28.81 -13.17 7.12
C ILE A 38 28.81 -11.90 8.04
N ALA A 39 29.03 -12.06 9.35
CA ALA A 39 28.85 -10.95 10.34
C ALA A 39 29.88 -11.14 11.46
N PRO A 40 31.13 -10.63 11.23
CA PRO A 40 32.19 -10.97 12.11
C PRO A 40 31.83 -10.45 13.48
N GLY A 41 31.98 -11.30 14.50
CA GLY A 41 31.75 -10.97 15.90
C GLY A 41 30.24 -11.05 16.26
N TYR A 42 29.43 -11.64 15.42
CA TYR A 42 27.96 -11.51 15.74
C TYR A 42 27.56 -12.33 16.97
N SER A 43 28.02 -13.58 17.04
CA SER A 43 27.47 -14.46 18.16
C SER A 43 27.91 -14.10 19.55
N MET A 44 28.91 -13.25 19.63
CA MET A 44 29.40 -12.86 20.96
C MET A 44 28.63 -11.63 21.40
N ILE A 45 28.19 -10.81 20.42
CA ILE A 45 27.48 -9.53 20.73
C ILE A 45 25.99 -9.76 20.94
N ILE A 46 25.39 -10.55 20.03
CA ILE A 46 23.99 -10.89 20.06
C ILE A 46 23.86 -12.22 20.76
N LYS A 47 23.20 -12.20 21.88
CA LYS A 47 23.19 -13.32 22.80
C LYS A 47 21.93 -14.14 22.48
N HIS A 48 20.86 -13.52 21.91
CA HIS A 48 19.66 -14.29 21.57
C HIS A 48 19.22 -14.06 20.17
N PRO A 49 19.84 -14.74 19.17
CA PRO A 49 19.56 -14.48 17.78
C PRO A 49 18.08 -14.81 17.42
N MET A 50 17.55 -14.11 16.38
CA MET A 50 16.13 -14.37 15.87
C MET A 50 16.05 -14.01 14.41
N ASP A 51 15.18 -14.69 13.71
CA ASP A 51 14.99 -14.37 12.28
C ASP A 51 13.62 -14.95 11.93
N PHE A 52 13.16 -14.42 10.78
CA PHE A 52 11.83 -14.83 10.34
C PHE A 52 11.67 -16.28 10.15
N GLY A 53 12.68 -16.98 9.66
CA GLY A 53 12.62 -18.45 9.48
C GLY A 53 12.35 -19.17 10.81
N THR A 54 13.07 -18.78 11.88
CA THR A 54 12.95 -19.33 13.26
C THR A 54 11.56 -19.00 13.70
N MET A 55 11.10 -17.79 13.37
CA MET A 55 9.70 -17.45 13.81
C MET A 55 8.62 -18.32 13.15
N LYS A 56 8.85 -18.60 11.89
CA LYS A 56 7.91 -19.55 11.16
C LYS A 56 7.91 -20.83 11.83
N ASP A 57 9.08 -21.40 12.10
CA ASP A 57 9.05 -22.70 12.69
C ASP A 57 8.39 -22.75 14.09
N LYS A 58 8.53 -21.69 14.93
CA LYS A 58 7.89 -21.51 16.24
C LYS A 58 6.32 -21.43 16.06
N ILE A 59 5.89 -20.77 15.00
CA ILE A 59 4.37 -20.78 14.65
C ILE A 59 3.91 -22.24 14.41
N VAL A 60 4.73 -23.01 13.59
CA VAL A 60 4.30 -24.28 12.96
C VAL A 60 4.30 -25.19 14.19
N ALA A 61 5.28 -25.00 15.08
CA ALA A 61 5.50 -25.83 16.28
C ALA A 61 4.61 -25.46 17.50
N ASN A 62 3.77 -24.47 17.32
CA ASN A 62 2.81 -23.99 18.35
C ASN A 62 3.40 -23.40 19.65
N GLU A 63 4.53 -22.73 19.48
CA GLU A 63 5.23 -22.24 20.63
C GLU A 63 4.77 -20.92 21.13
N TYR A 64 4.26 -20.04 20.21
CA TYR A 64 3.59 -18.85 20.67
C TYR A 64 2.21 -19.08 21.16
N LYS A 65 1.87 -18.57 22.32
CA LYS A 65 0.53 -18.80 22.92
C LYS A 65 -0.25 -17.54 22.85
N SER A 66 0.40 -16.43 22.38
CA SER A 66 -0.31 -15.21 22.31
C SER A 66 0.40 -14.33 21.30
N VAL A 67 -0.32 -13.41 20.72
CA VAL A 67 0.27 -12.43 19.80
C VAL A 67 1.38 -11.58 20.49
N THR A 68 1.31 -11.34 21.84
CA THR A 68 2.32 -10.63 22.63
C THR A 68 3.61 -11.40 22.50
N GLU A 69 3.57 -12.70 22.58
CA GLU A 69 4.86 -13.48 22.53
C GLU A 69 5.45 -13.38 21.14
N PHE A 70 4.68 -13.42 20.05
CA PHE A 70 5.15 -13.30 18.68
C PHE A 70 5.79 -11.93 18.52
N LYS A 71 5.09 -10.90 19.01
CA LYS A 71 5.65 -9.50 18.76
C LYS A 71 6.94 -9.38 19.56
N ALA A 72 7.12 -10.10 20.67
CA ALA A 72 8.42 -9.98 21.37
C ALA A 72 9.51 -10.65 20.59
N ASP A 73 9.34 -11.71 19.87
CA ASP A 73 10.40 -12.24 19.07
C ASP A 73 10.63 -11.29 17.82
N PHE A 74 9.57 -10.78 17.19
CA PHE A 74 9.80 -9.75 16.14
C PHE A 74 10.67 -8.67 16.71
N LYS A 75 10.40 -8.14 17.90
CA LYS A 75 11.17 -6.97 18.34
C LYS A 75 12.55 -7.44 18.63
N LEU A 76 12.70 -8.67 19.11
CA LEU A 76 14.05 -9.12 19.42
C LEU A 76 14.90 -9.16 18.12
N MET A 77 14.32 -9.66 17.04
CA MET A 77 15.00 -9.69 15.76
C MET A 77 15.44 -8.31 15.26
N CYS A 78 14.48 -7.32 15.31
CA CYS A 78 14.85 -5.91 14.93
C CYS A 78 15.86 -5.29 15.94
N ASP A 79 15.75 -5.53 17.26
CA ASP A 79 16.68 -5.06 18.39
C ASP A 79 18.04 -5.59 18.04
N ASN A 80 18.11 -6.88 17.72
CA ASN A 80 19.48 -7.45 17.51
C ASN A 80 20.13 -6.77 16.30
N ALA A 81 19.38 -6.50 15.26
CA ALA A 81 19.95 -5.85 13.99
C ALA A 81 20.40 -4.44 14.29
N MET A 82 19.65 -3.78 15.19
CA MET A 82 19.98 -2.37 15.53
C MET A 82 21.25 -2.28 16.25
N THR A 83 21.39 -3.28 17.07
CA THR A 83 22.54 -3.36 17.95
C THR A 83 23.79 -3.71 17.09
N TYR A 84 23.79 -4.83 16.42
CA TYR A 84 24.98 -5.27 15.71
C TYR A 84 25.39 -4.29 14.60
N ASN A 85 24.46 -3.75 13.84
CA ASN A 85 24.79 -3.01 12.58
C ASN A 85 24.94 -1.51 12.79
N ARG A 86 25.94 -0.94 12.10
CA ARG A 86 26.11 0.51 12.18
C ARG A 86 24.82 1.21 11.71
N PRO A 87 24.44 2.35 12.35
CA PRO A 87 23.25 3.03 11.91
C PRO A 87 23.10 3.39 10.41
N ASP A 88 24.20 3.76 9.67
CA ASP A 88 24.03 4.06 8.21
C ASP A 88 23.77 2.88 7.19
N THR A 89 23.58 1.65 7.73
CA THR A 89 23.57 0.38 6.98
C THR A 89 22.12 0.03 6.65
N VAL A 90 21.94 -0.63 5.53
CA VAL A 90 20.66 -1.08 5.03
C VAL A 90 20.01 -1.93 6.13
N TYR A 91 20.85 -2.61 6.84
CA TYR A 91 20.36 -3.54 7.88
C TYR A 91 19.72 -2.82 9.07
N TYR A 92 20.41 -1.85 9.59
CA TYR A 92 19.91 -1.04 10.64
C TYR A 92 18.69 -0.30 10.26
N LYS A 93 18.73 0.39 9.10
CA LYS A 93 17.59 1.13 8.58
C LYS A 93 16.38 0.28 8.49
N LEU A 94 16.49 -0.88 7.88
CA LEU A 94 15.30 -1.63 7.53
C LEU A 94 14.82 -2.18 8.92
N ALA A 95 15.71 -2.53 9.81
CA ALA A 95 15.21 -3.13 11.11
C ALA A 95 14.35 -2.07 11.85
N LYS A 96 14.88 -0.86 12.01
CA LYS A 96 14.16 0.15 12.77
C LYS A 96 12.87 0.50 12.07
N LYS A 97 12.85 0.56 10.74
CA LYS A 97 11.66 0.91 9.96
C LYS A 97 10.62 -0.21 10.17
N ILE A 98 10.98 -1.41 9.81
CA ILE A 98 9.99 -2.52 10.01
C ILE A 98 9.55 -2.81 11.48
N LEU A 99 10.41 -2.55 12.46
CA LEU A 99 9.96 -2.75 13.86
C LEU A 99 8.74 -1.86 14.21
N HIS A 100 8.82 -0.55 13.91
CA HIS A 100 7.81 0.33 14.29
C HIS A 100 6.58 0.04 13.41
N ALA A 101 6.81 -0.16 12.09
CA ALA A 101 5.60 -0.37 11.15
C ALA A 101 4.95 -1.73 11.49
N GLY A 102 5.76 -2.79 11.68
CA GLY A 102 5.11 -4.03 12.08
C GLY A 102 4.35 -4.00 13.33
N PHE A 103 4.81 -3.32 14.37
CA PHE A 103 3.97 -3.15 15.57
C PHE A 103 2.69 -2.36 15.26
N LYS A 104 2.73 -1.35 14.38
CA LYS A 104 1.50 -0.58 14.12
C LYS A 104 0.52 -1.50 13.35
N MET A 105 1.10 -2.26 12.42
CA MET A 105 0.34 -3.15 11.51
C MET A 105 -0.40 -4.17 12.33
N MET A 106 0.26 -4.71 13.36
CA MET A 106 -0.30 -5.77 14.22
C MET A 106 -0.90 -5.21 15.49
N SER A 107 -1.38 -4.00 15.46
CA SER A 107 -2.23 -3.66 16.57
C SER A 107 -3.64 -3.37 16.07
N THR B 8 66.97 15.04 5.98
CA THR B 8 66.58 16.18 6.88
C THR B 8 66.35 15.80 8.37
N PRO B 9 66.66 16.78 9.25
CA PRO B 9 66.46 16.47 10.64
C PRO B 9 65.03 16.23 10.91
N ILE B 10 64.05 16.91 10.27
CA ILE B 10 62.67 16.53 10.69
C ILE B 10 62.35 15.07 10.31
N GLN B 11 62.86 14.63 9.16
CA GLN B 11 62.70 13.23 8.78
C GLN B 11 63.21 12.22 9.86
N GLN B 12 64.41 12.42 10.51
CA GLN B 12 64.86 11.50 11.57
C GLN B 12 63.95 11.50 12.78
N LEU B 13 63.45 12.67 13.17
CA LEU B 13 62.51 12.78 14.25
C LEU B 13 61.21 12.03 14.00
N LEU B 14 60.69 12.30 12.83
CA LEU B 14 59.42 11.62 12.53
C LEU B 14 59.50 10.14 12.34
N GLU B 15 60.58 9.67 11.73
CA GLU B 15 60.88 8.23 11.65
C GLU B 15 61.00 7.58 12.99
N HIS B 16 61.64 8.22 13.94
CA HIS B 16 61.68 7.70 15.30
C HIS B 16 60.27 7.67 15.88
N PHE B 17 59.49 8.76 15.76
CA PHE B 17 58.15 8.71 16.30
C PHE B 17 57.32 7.61 15.60
N LEU B 18 57.43 7.53 14.27
CA LEU B 18 56.64 6.51 13.52
C LEU B 18 56.98 5.13 13.97
N ARG B 19 58.26 4.82 14.22
CA ARG B 19 58.66 3.58 14.78
C ARG B 19 58.07 3.31 16.18
N GLN B 20 58.14 4.29 17.11
CA GLN B 20 57.61 4.00 18.48
C GLN B 20 56.08 3.81 18.42
N LEU B 21 55.42 4.46 17.45
CA LEU B 21 53.99 4.28 17.31
C LEU B 21 53.65 2.89 16.78
N GLN B 22 54.46 2.35 15.86
CA GLN B 22 54.04 1.14 15.12
C GLN B 22 54.23 0.00 16.08
N ARG B 23 55.11 0.15 17.07
CA ARG B 23 55.42 -0.89 18.02
C ARG B 23 54.25 -1.16 18.90
N LYS B 24 53.33 -0.16 18.94
CA LYS B 24 52.11 -0.27 19.70
C LYS B 24 51.12 -1.12 18.96
N ASP B 25 51.40 -1.48 17.68
CA ASP B 25 50.37 -2.13 16.79
C ASP B 25 51.00 -3.43 16.31
N PRO B 26 51.15 -4.43 17.26
CA PRO B 26 51.99 -5.62 16.91
C PRO B 26 51.28 -6.49 15.85
N HIS B 27 49.94 -6.35 15.67
CA HIS B 27 49.29 -7.12 14.59
C HIS B 27 49.27 -6.43 13.26
N GLY B 28 49.72 -5.19 13.25
CA GLY B 28 49.65 -4.45 12.02
C GLY B 28 48.29 -4.07 11.48
N PHE B 29 47.32 -3.87 12.39
CA PHE B 29 46.02 -3.42 12.01
C PHE B 29 46.14 -2.06 11.28
N PHE B 30 47.15 -1.25 11.70
CA PHE B 30 47.39 0.06 11.06
C PHE B 30 48.44 0.17 10.06
N ALA B 31 48.96 -0.99 9.63
CA ALA B 31 50.12 -0.96 8.72
C ALA B 31 49.88 -0.48 7.28
N PHE B 32 48.71 -0.88 6.73
CA PHE B 32 48.38 -0.68 5.36
C PHE B 32 47.03 -0.12 5.20
N PRO B 33 46.71 0.46 4.02
CA PRO B 33 45.36 0.92 3.67
C PRO B 33 44.30 -0.10 3.94
N VAL B 34 43.23 0.41 4.48
CA VAL B 34 42.00 -0.44 4.65
C VAL B 34 41.25 -0.57 3.28
N THR B 35 40.86 -1.74 2.86
CA THR B 35 40.08 -1.81 1.62
C THR B 35 38.64 -2.19 1.86
N ASP B 36 37.80 -1.93 0.86
CA ASP B 36 36.41 -2.10 1.09
C ASP B 36 36.13 -3.58 1.12
N ALA B 37 36.97 -4.33 0.41
CA ALA B 37 36.87 -5.75 0.43
C ALA B 37 36.89 -6.31 1.88
N ILE B 38 37.79 -5.82 2.75
CA ILE B 38 37.90 -6.36 4.12
C ILE B 38 37.17 -5.57 5.23
N ALA B 39 36.54 -4.46 4.81
CA ALA B 39 35.75 -3.59 5.71
C ALA B 39 34.64 -3.00 4.86
N PRO B 40 33.49 -3.74 4.70
CA PRO B 40 32.41 -3.30 3.87
C PRO B 40 31.98 -1.85 4.09
N GLY B 41 31.83 -1.11 2.99
CA GLY B 41 31.28 0.24 3.01
C GLY B 41 32.34 1.28 3.54
N TYR B 42 33.58 0.81 3.72
CA TYR B 42 34.57 1.53 4.55
C TYR B 42 34.81 2.84 3.77
N SER B 43 35.05 2.73 2.46
CA SER B 43 35.34 3.95 1.64
C SER B 43 34.19 4.96 1.42
N MET B 44 32.95 4.52 1.62
CA MET B 44 31.79 5.43 1.68
C MET B 44 31.70 6.19 2.99
N ILE B 45 32.30 5.62 4.03
CA ILE B 45 32.17 6.16 5.36
C ILE B 45 33.39 6.99 5.77
N ILE B 46 34.60 6.61 5.31
CA ILE B 46 35.84 7.32 5.68
C ILE B 46 36.33 8.07 4.44
N LYS B 47 36.21 9.36 4.43
CA LYS B 47 36.48 10.03 3.17
C LYS B 47 37.96 10.43 3.07
N HIS B 48 38.70 10.29 4.17
CA HIS B 48 40.11 10.53 4.10
C HIS B 48 40.97 9.45 4.80
N PRO B 49 41.33 8.43 4.03
CA PRO B 49 42.01 7.29 4.64
C PRO B 49 43.46 7.59 5.08
N MET B 50 43.87 6.93 6.14
CA MET B 50 45.31 7.02 6.49
C MET B 50 45.76 5.79 7.20
N ASP B 51 47.05 5.45 7.10
CA ASP B 51 47.63 4.32 7.70
C ASP B 51 49.13 4.61 7.95
N PHE B 52 49.77 3.79 8.75
CA PHE B 52 51.20 4.04 8.94
C PHE B 52 52.06 3.84 7.76
N GLY B 53 51.79 2.89 6.90
CA GLY B 53 52.61 2.81 5.72
C GLY B 53 52.57 4.01 4.84
N THR B 54 51.39 4.69 4.68
CA THR B 54 51.29 5.93 3.91
C THR B 54 52.05 7.09 4.65
N MET B 55 52.01 7.10 5.99
CA MET B 55 52.69 8.14 6.78
C MET B 55 54.22 7.92 6.55
N LYS B 56 54.65 6.66 6.45
CA LYS B 56 56.14 6.41 6.23
C LYS B 56 56.54 6.96 4.83
N ASP B 57 55.70 6.73 3.86
CA ASP B 57 56.00 7.25 2.52
C ASP B 57 55.97 8.72 2.50
N LYS B 58 55.05 9.31 3.25
CA LYS B 58 54.98 10.71 3.44
C LYS B 58 56.26 11.36 4.06
N ILE B 59 56.77 10.79 5.15
CA ILE B 59 58.08 11.21 5.79
C ILE B 59 59.18 11.05 4.74
N VAL B 60 59.24 9.88 4.06
CA VAL B 60 60.41 9.72 3.14
C VAL B 60 60.28 10.72 2.01
N ALA B 61 59.07 11.12 1.64
CA ALA B 61 58.86 12.20 0.59
C ALA B 61 58.98 13.65 1.06
N ASN B 62 59.46 13.81 2.29
CA ASN B 62 59.46 15.11 2.94
C ASN B 62 58.12 15.84 2.80
N GLU B 63 57.00 15.12 2.91
CA GLU B 63 55.72 15.84 2.91
C GLU B 63 55.32 16.61 4.20
N TYR B 64 55.86 16.21 5.37
CA TYR B 64 55.48 16.87 6.62
C TYR B 64 56.45 17.98 6.98
N LYS B 65 56.03 19.22 7.18
CA LYS B 65 57.02 20.27 7.48
C LYS B 65 57.11 20.45 8.95
N SER B 66 56.32 19.71 9.73
CA SER B 66 56.32 19.94 11.16
C SER B 66 55.80 18.66 11.83
N VAL B 67 56.06 18.53 13.11
CA VAL B 67 55.52 17.42 13.94
C VAL B 67 54.04 17.68 13.92
N THR B 68 53.57 18.94 14.06
CA THR B 68 52.10 19.26 14.00
C THR B 68 51.38 18.48 12.84
N GLU B 69 51.92 18.57 11.63
CA GLU B 69 51.30 17.96 10.40
C GLU B 69 51.40 16.44 10.59
N PHE B 70 52.44 15.83 11.17
CA PHE B 70 52.54 14.44 11.29
C PHE B 70 51.52 13.97 12.29
N LYS B 71 51.47 14.62 13.45
CA LYS B 71 50.46 14.29 14.48
C LYS B 71 49.12 14.43 13.87
N ALA B 72 48.87 15.37 12.94
CA ALA B 72 47.44 15.41 12.41
C ALA B 72 47.09 14.19 11.58
N ASP B 73 48.08 13.56 10.88
CA ASP B 73 47.84 12.31 10.10
C ASP B 73 47.65 11.13 11.07
N PHE B 74 48.40 11.05 12.17
CA PHE B 74 48.22 10.02 13.17
C PHE B 74 46.83 10.15 13.71
N LYS B 75 46.45 11.32 14.14
CA LYS B 75 45.03 11.56 14.57
C LYS B 75 43.93 11.10 13.55
N LEU B 76 44.09 11.57 12.33
CA LEU B 76 43.21 11.12 11.25
C LEU B 76 43.04 9.59 11.30
N MET B 77 44.16 8.88 11.37
CA MET B 77 44.20 7.43 11.26
C MET B 77 43.43 6.88 12.43
N CYS B 78 43.54 7.48 13.65
CA CYS B 78 42.90 6.78 14.82
C CYS B 78 41.48 7.23 14.67
N ASP B 79 41.20 8.45 14.24
CA ASP B 79 39.76 8.86 14.22
C ASP B 79 39.02 8.07 13.18
N ASN B 80 39.70 7.67 12.08
CA ASN B 80 39.03 6.81 11.12
C ASN B 80 38.66 5.51 11.78
N ALA B 81 39.56 4.87 12.48
CA ALA B 81 39.22 3.57 13.05
C ALA B 81 38.22 3.57 14.13
N MET B 82 38.18 4.65 14.94
CA MET B 82 37.10 4.85 15.92
C MET B 82 35.74 5.21 15.33
N THR B 83 35.75 5.91 14.21
CA THR B 83 34.50 6.13 13.44
C THR B 83 33.99 4.82 12.84
N TYR B 84 34.82 4.02 12.20
CA TYR B 84 34.19 2.90 11.41
C TYR B 84 33.91 1.66 12.29
N ASN B 85 34.82 1.28 13.13
CA ASN B 85 34.72 0.14 13.94
C ASN B 85 33.81 0.31 15.13
N ARG B 86 33.06 -0.75 15.49
CA ARG B 86 32.23 -0.65 16.63
C ARG B 86 33.13 -0.54 17.84
N PRO B 87 32.62 0.15 18.88
CA PRO B 87 33.40 0.29 20.08
C PRO B 87 33.94 -0.95 20.76
N ASP B 88 33.21 -2.07 20.74
CA ASP B 88 33.76 -3.26 21.40
C ASP B 88 35.00 -3.89 20.68
N THR B 89 35.29 -3.49 19.43
CA THR B 89 36.30 -4.23 18.66
C THR B 89 37.74 -3.96 19.09
N VAL B 90 38.61 -4.90 18.73
CA VAL B 90 40.03 -4.72 18.83
C VAL B 90 40.50 -3.41 18.14
N TYR B 91 39.88 -3.05 17.03
CA TYR B 91 40.39 -1.95 16.19
C TYR B 91 40.10 -0.62 16.83
N TYR B 92 38.86 -0.44 17.30
CA TYR B 92 38.44 0.71 18.04
C TYR B 92 39.26 0.83 19.30
N LYS B 93 39.35 -0.22 20.11
CA LYS B 93 40.05 -0.06 21.37
C LYS B 93 41.56 0.30 21.22
N LEU B 94 42.18 -0.33 20.23
CA LEU B 94 43.58 0.04 19.85
C LEU B 94 43.69 1.48 19.39
N ALA B 95 42.87 1.91 18.49
CA ALA B 95 42.89 3.29 17.98
C ALA B 95 42.75 4.29 19.06
N LYS B 96 41.74 4.17 19.94
CA LYS B 96 41.57 5.03 21.16
C LYS B 96 42.86 5.04 21.97
N LYS B 97 43.36 3.84 22.29
CA LYS B 97 44.50 3.69 23.24
C LYS B 97 45.70 4.41 22.63
N ILE B 98 45.98 4.11 21.38
CA ILE B 98 47.22 4.65 20.81
C ILE B 98 47.10 6.11 20.50
N LEU B 99 45.90 6.61 20.17
CA LEU B 99 45.71 8.06 19.99
C LEU B 99 46.21 8.84 21.20
N HIS B 100 45.81 8.41 22.39
CA HIS B 100 46.08 9.21 23.55
C HIS B 100 47.50 8.93 23.92
N ALA B 101 48.00 7.70 23.77
CA ALA B 101 49.32 7.41 24.31
C ALA B 101 50.28 8.02 23.35
N GLY B 102 49.96 7.99 22.06
CA GLY B 102 50.96 8.55 21.10
C GLY B 102 51.04 10.06 21.11
N PHE B 103 49.97 10.75 21.44
CA PHE B 103 50.03 12.17 21.51
C PHE B 103 50.87 12.51 22.72
N LYS B 104 50.75 11.76 23.81
CA LYS B 104 51.48 12.05 25.05
C LYS B 104 53.00 11.86 24.65
N MET B 105 53.28 10.84 23.83
CA MET B 105 54.66 10.37 23.69
C MET B 105 55.34 11.37 22.81
N MET B 106 54.57 12.06 21.96
CA MET B 106 55.19 12.99 21.03
C MET B 106 55.36 14.40 21.66
N SER B 107 54.92 14.55 22.91
CA SER B 107 55.04 15.82 23.62
C SER B 107 56.11 15.74 24.73
N GLY C 4 37.53 -10.91 10.17
CA GLY C 4 37.91 -10.38 11.54
C GLY C 4 37.39 -8.95 11.77
N GLY C 6 34.98 -5.33 10.54
CA GLY C 6 33.56 -4.91 10.14
C GLY C 6 32.34 -5.70 10.67
N GLY C 7 31.27 -5.36 9.96
CA GLY C 7 29.93 -5.96 10.17
C GLY C 7 29.63 -6.68 8.89
N GLY C 9 27.99 -7.06 4.69
CA GLY C 9 27.83 -6.09 3.59
C GLY C 9 27.97 -6.64 2.17
N SER D 7 -12.46 -11.60 22.45
CA SER D 7 -12.20 -11.95 21.02
C SER D 7 -11.01 -12.91 20.70
N THR D 8 -11.40 -14.00 20.07
CA THR D 8 -10.57 -15.02 19.61
C THR D 8 -9.48 -14.51 18.62
N PRO D 9 -8.41 -15.30 18.42
CA PRO D 9 -7.57 -15.10 17.24
C PRO D 9 -8.26 -14.94 15.89
N ILE D 10 -9.30 -15.70 15.55
CA ILE D 10 -9.98 -15.42 14.31
C ILE D 10 -10.71 -14.13 14.34
N GLN D 11 -11.36 -13.81 15.46
CA GLN D 11 -11.94 -12.49 15.60
C GLN D 11 -10.86 -11.39 15.36
N GLN D 12 -9.60 -11.50 15.84
CA GLN D 12 -8.63 -10.49 15.50
C GLN D 12 -8.26 -10.50 14.03
N LEU D 13 -8.12 -11.67 13.42
CA LEU D 13 -7.77 -11.75 12.03
C LEU D 13 -8.81 -11.11 11.13
N LEU D 14 -10.04 -11.38 11.45
CA LEU D 14 -11.09 -10.77 10.56
C LEU D 14 -11.18 -9.31 10.78
N GLU D 15 -10.94 -8.82 12.02
CA GLU D 15 -11.08 -7.39 12.32
C GLU D 15 -9.95 -6.67 11.60
N HIS D 16 -8.83 -7.36 11.38
CA HIS D 16 -7.69 -6.80 10.67
C HIS D 16 -7.96 -6.72 9.16
N PHE D 17 -8.48 -7.81 8.55
CA PHE D 17 -8.86 -7.66 7.13
C PHE D 17 -9.93 -6.64 6.97
N LEU D 18 -10.89 -6.60 7.86
CA LEU D 18 -11.97 -5.60 7.68
C LEU D 18 -11.45 -4.15 7.67
N ARG D 19 -10.50 -3.84 8.54
CA ARG D 19 -9.95 -2.53 8.57
C ARG D 19 -9.27 -2.24 7.25
N GLN D 20 -8.46 -3.16 6.73
CA GLN D 20 -7.81 -2.94 5.41
C GLN D 20 -8.74 -2.77 4.24
N LEU D 21 -9.78 -3.56 4.26
CA LEU D 21 -10.86 -3.46 3.26
C LEU D 21 -11.58 -2.08 3.36
N GLN D 22 -11.83 -1.58 4.53
CA GLN D 22 -12.59 -0.31 4.66
C GLN D 22 -11.66 0.93 4.27
N ARG D 23 -10.35 0.82 4.33
CA ARG D 23 -9.45 1.87 3.89
C ARG D 23 -9.59 2.08 2.42
N LYS D 24 -10.09 1.02 1.69
CA LYS D 24 -10.31 1.15 0.23
C LYS D 24 -11.57 1.84 -0.14
N ASP D 25 -12.35 2.24 0.85
CA ASP D 25 -13.68 2.87 0.74
C ASP D 25 -13.76 4.18 1.51
N PRO D 26 -12.97 5.22 1.09
CA PRO D 26 -12.86 6.42 1.84
C PRO D 26 -14.14 7.24 1.97
N HIS D 27 -15.10 7.02 1.03
CA HIS D 27 -16.39 7.74 1.24
C HIS D 27 -17.39 6.96 1.97
N GLY D 28 -17.01 5.78 2.29
CA GLY D 28 -17.94 4.95 3.02
C GLY D 28 -19.19 4.51 2.30
N PHE D 29 -19.04 4.23 1.02
CA PHE D 29 -20.23 3.78 0.24
C PHE D 29 -20.74 2.49 0.80
N PHE D 30 -19.79 1.70 1.40
CA PHE D 30 -20.15 0.37 1.92
C PHE D 30 -20.26 0.30 3.40
N ALA D 31 -20.25 1.46 4.11
CA ALA D 31 -20.15 1.45 5.61
C ALA D 31 -21.40 0.93 6.28
N PHE D 32 -22.55 1.26 5.67
CA PHE D 32 -23.84 1.20 6.31
C PHE D 32 -24.88 0.55 5.41
N PRO D 33 -25.84 -0.17 5.98
CA PRO D 33 -26.94 -0.66 5.11
C PRO D 33 -27.44 0.37 4.06
N VAL D 34 -27.75 -0.07 2.86
CA VAL D 34 -28.44 0.78 1.83
C VAL D 34 -29.96 0.86 2.15
N THR D 35 -30.59 2.00 2.07
CA THR D 35 -32.07 2.03 2.24
C THR D 35 -32.73 2.33 0.93
N ASP D 36 -34.06 2.07 0.84
CA ASP D 36 -34.77 2.18 -0.43
C ASP D 36 -34.94 3.66 -0.71
N ALA D 37 -34.94 4.44 0.36
CA ALA D 37 -35.04 5.89 0.20
C ALA D 37 -33.82 6.50 -0.53
N ILE D 38 -32.60 5.99 -0.35
CA ILE D 38 -31.46 6.50 -1.13
C ILE D 38 -31.07 5.68 -2.40
N ALA D 39 -31.71 4.52 -2.57
CA ALA D 39 -31.53 3.64 -3.73
C ALA D 39 -32.88 3.08 -4.09
N PRO D 40 -33.68 3.80 -4.94
CA PRO D 40 -35.06 3.36 -5.20
C PRO D 40 -35.10 1.90 -5.69
N GLY D 41 -35.98 1.05 -5.17
CA GLY D 41 -36.24 -0.31 -5.75
C GLY D 41 -35.25 -1.33 -5.08
N TYR D 42 -34.40 -0.86 -4.17
CA TYR D 42 -33.23 -1.67 -3.74
C TYR D 42 -33.61 -2.98 -3.04
N SER D 43 -34.45 -2.86 -2.02
CA SER D 43 -34.81 -4.04 -1.22
C SER D 43 -35.68 -4.97 -2.07
N MET D 44 -36.24 -4.47 -3.17
CA MET D 44 -36.88 -5.36 -4.13
C MET D 44 -35.86 -6.21 -4.87
N ILE D 45 -34.76 -5.58 -5.30
CA ILE D 45 -33.81 -6.28 -6.13
C ILE D 45 -32.74 -7.13 -5.36
N ILE D 46 -32.21 -6.59 -4.26
CA ILE D 46 -31.17 -7.29 -3.57
C ILE D 46 -31.86 -7.98 -2.42
N LYS D 47 -31.90 -9.30 -2.42
CA LYS D 47 -32.63 -9.98 -1.38
C LYS D 47 -31.84 -10.25 -0.12
N HIS D 48 -30.50 -10.23 -0.21
CA HIS D 48 -29.70 -10.41 0.99
C HIS D 48 -28.66 -9.29 1.12
N PRO D 49 -29.05 -8.20 1.79
CA PRO D 49 -28.18 -7.05 1.95
C PRO D 49 -26.92 -7.31 2.81
N MET D 50 -25.82 -6.63 2.52
CA MET D 50 -24.68 -6.72 3.43
C MET D 50 -23.89 -5.40 3.29
N ASP D 51 -23.19 -5.03 4.38
CA ASP D 51 -22.36 -3.83 4.32
C ASP D 51 -21.23 -4.07 5.40
N PHE D 52 -20.20 -3.20 5.37
CA PHE D 52 -19.15 -3.46 6.36
C PHE D 52 -19.59 -3.23 7.73
N GLY D 53 -20.50 -2.31 8.04
CA GLY D 53 -20.84 -2.22 9.44
C GLY D 53 -21.57 -3.43 9.99
N THR D 54 -22.36 -4.15 9.13
CA THR D 54 -23.02 -5.39 9.64
C THR D 54 -21.90 -6.47 9.72
N MET D 55 -20.84 -6.36 8.86
CA MET D 55 -19.79 -7.33 8.91
C MET D 55 -19.05 -7.16 10.28
N LYS D 56 -18.80 -5.90 10.64
CA LYS D 56 -18.10 -5.57 11.93
C LYS D 56 -18.91 -6.23 13.02
N ASP D 57 -20.24 -6.08 12.98
CA ASP D 57 -21.07 -6.56 14.08
C ASP D 57 -21.10 -8.04 14.17
N LYS D 58 -20.90 -8.70 13.03
CA LYS D 58 -21.01 -10.12 12.90
C LYS D 58 -19.73 -10.77 13.46
N ILE D 59 -18.62 -10.04 13.21
CA ILE D 59 -17.35 -10.47 13.86
C ILE D 59 -17.51 -10.42 15.36
N VAL D 60 -18.12 -9.32 15.90
CA VAL D 60 -17.92 -9.01 17.34
C VAL D 60 -18.82 -9.96 18.07
N ALA D 61 -19.92 -10.33 17.43
CA ALA D 61 -20.83 -11.34 17.95
C ALA D 61 -20.39 -12.75 17.59
N ASN D 62 -19.17 -12.93 17.11
CA ASN D 62 -18.65 -14.27 16.84
C ASN D 62 -19.42 -15.12 15.85
N GLU D 63 -19.98 -14.43 14.86
CA GLU D 63 -20.84 -15.09 13.89
C GLU D 63 -20.04 -15.84 12.80
N TYR D 64 -18.78 -15.42 12.56
CA TYR D 64 -17.91 -16.09 11.58
C TYR D 64 -16.96 -17.11 12.03
N LYS D 65 -17.09 -18.32 11.51
CA LYS D 65 -16.32 -19.40 12.13
C LYS D 65 -15.05 -19.63 11.33
N SER D 66 -14.90 -18.89 10.23
CA SER D 66 -13.76 -19.22 9.38
C SER D 66 -13.61 -17.97 8.49
N VAL D 67 -12.43 -17.76 8.01
CA VAL D 67 -12.16 -16.68 7.09
C VAL D 67 -13.12 -16.95 5.94
N THR D 68 -13.28 -18.20 5.43
CA THR D 68 -14.18 -18.50 4.26
C THR D 68 -15.58 -17.83 4.41
N GLU D 69 -16.23 -17.95 5.53
CA GLU D 69 -17.46 -17.33 5.85
C GLU D 69 -17.36 -15.81 5.79
N PHE D 70 -16.26 -15.19 6.22
CA PHE D 70 -16.15 -13.74 6.14
C PHE D 70 -16.02 -13.31 4.69
N LYS D 71 -15.21 -14.08 3.95
CA LYS D 71 -15.01 -13.77 2.51
C LYS D 71 -16.29 -13.86 1.81
N ALA D 72 -17.19 -14.75 2.23
CA ALA D 72 -18.49 -14.89 1.50
C ALA D 72 -19.38 -13.71 1.70
N ASP D 73 -19.33 -13.06 2.86
CA ASP D 73 -20.20 -11.88 3.12
C ASP D 73 -19.55 -10.67 2.39
N PHE D 74 -18.23 -10.51 2.34
CA PHE D 74 -17.57 -9.59 1.46
C PHE D 74 -17.96 -9.67 0.03
N LYS D 75 -17.88 -10.87 -0.51
CA LYS D 75 -18.42 -11.16 -1.83
C LYS D 75 -19.91 -10.77 -2.09
N LEU D 76 -20.66 -11.14 -1.12
CA LEU D 76 -22.08 -10.85 -1.22
C LEU D 76 -22.26 -9.33 -1.33
N MET D 77 -21.54 -8.57 -0.48
CA MET D 77 -21.68 -7.14 -0.45
C MET D 77 -21.26 -6.53 -1.81
N CYS D 78 -20.16 -7.02 -2.42
CA CYS D 78 -19.66 -6.38 -3.69
C CYS D 78 -20.63 -6.82 -4.76
N ASP D 79 -21.06 -8.10 -4.72
CA ASP D 79 -22.01 -8.64 -5.77
C ASP D 79 -23.28 -7.83 -5.77
N ASN D 80 -23.81 -7.50 -4.57
CA ASN D 80 -25.05 -6.78 -4.47
C ASN D 80 -24.86 -5.41 -5.15
N ALA D 81 -23.71 -4.70 -4.94
CA ALA D 81 -23.45 -3.39 -5.62
C ALA D 81 -23.19 -3.42 -7.10
N MET D 82 -22.66 -4.55 -7.61
CA MET D 82 -22.54 -4.69 -9.06
C MET D 82 -23.85 -5.06 -9.68
N THR D 83 -24.72 -5.69 -8.94
CA THR D 83 -26.04 -6.00 -9.50
C THR D 83 -26.94 -4.75 -9.52
N TYR D 84 -26.92 -3.90 -8.48
CA TYR D 84 -27.90 -2.87 -8.38
C TYR D 84 -27.48 -1.69 -9.16
N ASN D 85 -26.19 -1.33 -9.07
CA ASN D 85 -25.68 -0.09 -9.67
C ASN D 85 -25.28 -0.21 -11.12
N ARG D 86 -25.59 0.82 -11.93
CA ARG D 86 -25.22 0.75 -13.30
C ARG D 86 -23.75 0.61 -13.30
N PRO D 87 -23.23 -0.12 -14.27
CA PRO D 87 -21.81 -0.27 -14.51
C PRO D 87 -20.96 1.00 -14.54
N ASP D 88 -21.42 2.12 -15.17
CA ASP D 88 -20.49 3.29 -15.13
C ASP D 88 -20.39 4.07 -13.76
N THR D 89 -21.05 3.59 -12.68
CA THR D 89 -21.11 4.35 -11.42
C THR D 89 -19.86 4.17 -10.48
N VAL D 90 -19.69 5.11 -9.54
CA VAL D 90 -18.56 5.01 -8.60
C VAL D 90 -18.87 3.72 -7.81
N TYR D 91 -20.15 3.41 -7.69
CA TYR D 91 -20.58 2.24 -6.87
C TYR D 91 -20.20 0.89 -7.44
N TYR D 92 -20.53 0.69 -8.68
CA TYR D 92 -20.22 -0.52 -9.44
C TYR D 92 -18.74 -0.62 -9.48
N LYS D 93 -18.08 0.47 -9.80
CA LYS D 93 -16.69 0.26 -10.09
C LYS D 93 -15.79 0.03 -8.85
N LEU D 94 -16.16 0.67 -7.76
CA LEU D 94 -15.47 0.47 -6.49
C LEU D 94 -15.76 -0.96 -6.06
N ALA D 95 -16.99 -1.38 -6.14
CA ALA D 95 -17.24 -2.76 -5.66
C ALA D 95 -16.42 -3.80 -6.48
N LYS D 96 -16.32 -3.63 -7.80
CA LYS D 96 -15.64 -4.68 -8.62
C LYS D 96 -14.16 -4.64 -8.26
N LYS D 97 -13.61 -3.39 -8.15
CA LYS D 97 -12.23 -3.21 -7.77
C LYS D 97 -11.97 -3.93 -6.43
N ILE D 98 -12.74 -3.57 -5.38
CA ILE D 98 -12.32 -4.06 -4.09
C ILE D 98 -12.65 -5.58 -3.98
N LEU D 99 -13.58 -6.11 -4.78
CA LEU D 99 -13.89 -7.53 -4.68
C LEU D 99 -12.66 -8.33 -5.04
N HIS D 100 -11.99 -7.98 -6.11
CA HIS D 100 -10.96 -8.80 -6.60
C HIS D 100 -9.74 -8.52 -5.69
N ALA D 101 -9.49 -7.24 -5.34
CA ALA D 101 -8.30 -6.88 -4.52
C ALA D 101 -8.43 -7.57 -3.13
N GLY D 102 -9.65 -7.54 -2.58
CA GLY D 102 -9.88 -7.99 -1.23
C GLY D 102 -9.68 -9.46 -1.11
N PHE D 103 -10.23 -10.23 -2.06
CA PHE D 103 -9.88 -11.64 -2.23
C PHE D 103 -8.39 -11.89 -2.32
N LYS D 104 -7.68 -11.07 -3.05
CA LYS D 104 -6.26 -11.37 -3.13
C LYS D 104 -5.60 -11.12 -1.74
N MET D 105 -6.01 -10.08 -1.02
CA MET D 105 -5.46 -9.81 0.32
C MET D 105 -5.78 -10.91 1.34
N MET D 106 -7.00 -11.46 1.27
CA MET D 106 -7.37 -12.47 2.23
C MET D 106 -6.66 -13.79 1.89
N SER D 107 -5.75 -13.71 0.92
CA SER D 107 -4.95 -14.84 0.43
C SER D 107 -3.47 -14.40 0.45
N SER E 7 -52.39 26.15 -39.86
CA SER E 7 -51.28 25.15 -39.81
C SER E 7 -51.55 23.89 -40.71
N THR E 8 -50.49 23.09 -40.93
CA THR E 8 -50.38 22.18 -42.05
C THR E 8 -50.80 20.66 -41.85
N PRO E 9 -51.04 19.93 -42.96
CA PRO E 9 -51.51 18.59 -42.78
C PRO E 9 -50.48 17.69 -42.08
N ILE E 10 -49.18 17.93 -42.31
CA ILE E 10 -48.22 17.09 -41.63
C ILE E 10 -48.26 17.43 -40.15
N GLN E 11 -48.43 18.68 -39.76
CA GLN E 11 -48.57 18.91 -38.29
C GLN E 11 -49.84 18.24 -37.67
N GLN E 12 -50.99 18.21 -38.42
CA GLN E 12 -52.19 17.48 -38.03
C GLN E 12 -51.96 15.99 -37.84
N LEU E 13 -51.38 15.35 -38.83
CA LEU E 13 -50.92 13.99 -38.74
C LEU E 13 -50.03 13.73 -37.55
N LEU E 14 -48.95 14.53 -37.40
CA LEU E 14 -48.02 14.26 -36.22
C LEU E 14 -48.69 14.54 -34.85
N GLU E 15 -49.59 15.55 -34.75
CA GLU E 15 -50.51 15.64 -33.59
C GLU E 15 -51.39 14.44 -33.26
N HIS E 16 -51.87 13.82 -34.31
CA HIS E 16 -52.73 12.64 -34.13
C HIS E 16 -51.85 11.51 -33.60
N PHE E 17 -50.67 11.28 -34.21
CA PHE E 17 -49.75 10.31 -33.74
C PHE E 17 -49.35 10.61 -32.27
N LEU E 18 -49.04 11.88 -31.97
CA LEU E 18 -48.49 12.20 -30.59
C LEU E 18 -49.52 11.87 -29.60
N ARG E 19 -50.81 12.25 -29.81
CA ARG E 19 -51.86 11.98 -28.84
C ARG E 19 -52.07 10.49 -28.69
N GLN E 20 -52.00 9.76 -29.81
CA GLN E 20 -52.17 8.28 -29.60
C GLN E 20 -50.98 7.67 -28.84
N LEU E 21 -49.74 8.16 -29.08
CA LEU E 21 -48.58 7.64 -28.29
C LEU E 21 -48.62 8.06 -26.82
N GLN E 22 -49.23 9.21 -26.53
CA GLN E 22 -49.11 9.72 -25.14
C GLN E 22 -50.12 8.92 -24.31
N ARG E 23 -51.16 8.41 -24.96
CA ARG E 23 -52.18 7.69 -24.30
C ARG E 23 -51.63 6.41 -23.68
N LYS E 24 -50.52 5.93 -24.24
CA LYS E 24 -49.83 4.76 -23.78
C LYS E 24 -49.05 5.03 -22.49
N ASP E 25 -49.02 6.26 -22.04
CA ASP E 25 -48.11 6.59 -20.95
C ASP E 25 -49.01 7.33 -19.95
N PRO E 26 -49.99 6.61 -19.31
CA PRO E 26 -50.97 7.29 -18.41
C PRO E 26 -50.34 8.04 -17.21
N HIS E 27 -49.16 7.62 -16.76
CA HIS E 27 -48.48 8.33 -15.60
C HIS E 27 -47.67 9.53 -16.02
N GLY E 28 -47.57 9.67 -17.34
CA GLY E 28 -46.70 10.74 -17.91
C GLY E 28 -45.22 10.66 -17.50
N PHE E 29 -44.70 9.45 -17.39
CA PHE E 29 -43.25 9.26 -17.43
C PHE E 29 -42.50 9.97 -18.51
N PHE E 30 -43.11 10.05 -19.70
CA PHE E 30 -42.39 10.70 -20.86
C PHE E 30 -42.88 12.00 -21.17
N ALA E 31 -43.69 12.54 -20.22
CA ALA E 31 -44.38 13.80 -20.49
C ALA E 31 -43.51 15.06 -20.54
N PHE E 32 -42.41 15.07 -19.75
CA PHE E 32 -41.60 16.25 -19.51
C PHE E 32 -40.14 15.82 -19.49
N PRO E 33 -39.21 16.77 -19.66
CA PRO E 33 -37.71 16.50 -19.66
C PRO E 33 -37.29 15.87 -18.38
N VAL E 34 -36.46 14.83 -18.44
CA VAL E 34 -35.90 14.24 -17.16
C VAL E 34 -34.81 15.20 -16.61
N THR E 35 -34.83 15.44 -15.32
CA THR E 35 -33.74 16.22 -14.73
C THR E 35 -32.78 15.35 -13.86
N ASP E 36 -31.54 15.81 -13.64
CA ASP E 36 -30.63 15.07 -12.75
C ASP E 36 -31.13 14.96 -11.34
N ALA E 37 -31.99 15.89 -10.95
CA ALA E 37 -32.56 15.82 -9.63
C ALA E 37 -33.33 14.55 -9.38
N ILE E 38 -34.13 14.11 -10.34
CA ILE E 38 -34.96 12.94 -10.17
C ILE E 38 -34.31 11.72 -10.81
N ALA E 39 -33.09 11.89 -11.36
CA ALA E 39 -32.48 10.78 -12.09
C ALA E 39 -31.01 10.97 -12.04
N PRO E 40 -30.40 10.56 -10.92
CA PRO E 40 -29.03 10.85 -10.80
C PRO E 40 -28.15 10.37 -11.94
N GLY E 41 -27.28 11.23 -12.38
CA GLY E 41 -26.29 11.05 -13.44
C GLY E 41 -26.91 11.16 -14.83
N TYR E 42 -28.17 11.49 -14.88
CA TYR E 42 -28.91 11.33 -16.16
C TYR E 42 -28.31 12.19 -17.27
N SER E 43 -28.03 13.47 -16.93
CA SER E 43 -27.44 14.37 -18.00
C SER E 43 -26.05 14.08 -18.59
N MET E 44 -25.25 13.29 -17.88
CA MET E 44 -23.92 12.88 -18.38
C MET E 44 -23.95 11.54 -19.11
N ILE E 45 -25.12 10.88 -19.12
CA ILE E 45 -25.23 9.51 -19.67
C ILE E 45 -26.07 9.60 -20.96
N ILE E 46 -27.07 10.50 -20.90
CA ILE E 46 -27.95 10.75 -22.05
C ILE E 46 -27.59 12.10 -22.68
N LYS E 47 -27.01 12.07 -23.84
CA LYS E 47 -26.42 13.26 -24.46
C LYS E 47 -27.42 14.01 -25.27
N HIS E 48 -28.44 13.29 -25.74
CA HIS E 48 -29.55 13.98 -26.40
C HIS E 48 -30.96 13.69 -25.83
N PRO E 49 -31.40 14.47 -24.81
CA PRO E 49 -32.60 14.18 -24.14
C PRO E 49 -33.82 14.45 -25.06
N MET E 50 -34.90 13.70 -24.83
CA MET E 50 -36.23 13.92 -25.58
C MET E 50 -37.35 13.53 -24.75
N ASP E 51 -38.52 14.15 -25.02
CA ASP E 51 -39.74 13.82 -24.35
C ASP E 51 -40.95 14.24 -25.12
N PHE E 52 -42.10 13.68 -24.69
CA PHE E 52 -43.29 14.10 -25.49
C PHE E 52 -43.62 15.56 -25.48
N GLY E 53 -43.43 16.24 -24.38
CA GLY E 53 -43.62 17.72 -24.28
C GLY E 53 -42.79 18.48 -25.27
N THR E 54 -41.51 18.11 -25.34
CA THR E 54 -40.54 18.67 -26.31
C THR E 54 -40.94 18.43 -27.85
N MET E 55 -41.36 17.16 -28.10
CA MET E 55 -41.91 16.80 -29.41
C MET E 55 -43.15 17.61 -29.76
N LYS E 56 -44.09 17.83 -28.78
CA LYS E 56 -45.30 18.68 -29.02
C LYS E 56 -44.90 20.06 -29.46
N ASP E 57 -44.00 20.68 -28.70
CA ASP E 57 -43.52 21.95 -29.07
C ASP E 57 -42.82 21.98 -30.42
N LYS E 58 -42.01 20.96 -30.77
CA LYS E 58 -41.45 20.81 -32.08
C LYS E 58 -42.52 20.76 -33.27
N ILE E 59 -43.58 19.98 -33.03
CA ILE E 59 -44.65 19.92 -34.07
C ILE E 59 -45.21 21.31 -34.23
N VAL E 60 -45.56 22.01 -33.10
CA VAL E 60 -46.29 23.25 -33.10
C VAL E 60 -45.32 24.24 -33.81
N ALA E 61 -44.00 24.15 -33.51
CA ALA E 61 -42.97 25.04 -34.20
C ALA E 61 -42.68 24.71 -35.66
N ASN E 62 -43.41 23.75 -36.25
CA ASN E 62 -43.12 23.22 -37.57
C ASN E 62 -41.68 22.69 -37.84
N GLU E 63 -41.06 22.05 -36.87
CA GLU E 63 -39.67 21.54 -37.08
C GLU E 63 -39.55 20.18 -37.77
N TYR E 64 -40.57 19.29 -37.68
CA TYR E 64 -40.54 18.07 -38.43
C TYR E 64 -41.01 18.29 -39.82
N LYS E 65 -40.21 17.89 -40.79
CA LYS E 65 -40.56 18.02 -42.19
C LYS E 65 -41.08 16.73 -42.78
N SER E 66 -41.05 15.60 -42.02
CA SER E 66 -41.62 14.38 -42.52
C SER E 66 -41.93 13.57 -41.25
N VAL E 67 -42.80 12.60 -41.41
CA VAL E 67 -43.08 11.60 -40.39
C VAL E 67 -41.78 10.91 -40.02
N THR E 68 -40.83 10.69 -40.97
CA THR E 68 -39.61 9.95 -40.69
C THR E 68 -38.88 10.75 -39.56
N GLU E 69 -38.88 12.08 -39.62
CA GLU E 69 -38.13 12.89 -38.58
C GLU E 69 -38.82 12.76 -37.18
N PHE E 70 -40.14 12.69 -37.13
CA PHE E 70 -40.89 12.58 -35.96
C PHE E 70 -40.55 11.25 -35.31
N LYS E 71 -40.65 10.21 -36.13
CA LYS E 71 -40.30 8.85 -35.66
C LYS E 71 -38.90 8.75 -35.04
N ALA E 72 -37.93 9.45 -35.59
CA ALA E 72 -36.55 9.42 -35.09
C ALA E 72 -36.54 10.12 -33.74
N ASP E 73 -37.30 11.19 -33.39
CA ASP E 73 -37.27 11.74 -32.03
C ASP E 73 -38.00 10.74 -31.10
N PHE E 74 -39.14 10.17 -31.55
CA PHE E 74 -39.79 9.15 -30.74
C PHE E 74 -38.79 8.07 -30.38
N LYS E 75 -38.10 7.57 -31.40
CA LYS E 75 -37.12 6.52 -31.13
C LYS E 75 -36.02 6.90 -30.12
N LEU E 76 -35.49 8.14 -30.30
CA LEU E 76 -34.55 8.70 -29.36
C LEU E 76 -35.08 8.72 -27.96
N MET E 77 -36.37 9.08 -27.78
CA MET E 77 -36.94 9.19 -26.45
C MET E 77 -36.95 7.84 -25.80
N CYS E 78 -37.36 6.82 -26.56
CA CYS E 78 -37.41 5.49 -25.96
C CYS E 78 -35.93 4.92 -25.75
N ASP E 79 -35.00 5.20 -26.69
CA ASP E 79 -33.61 4.66 -26.68
C ASP E 79 -33.03 5.28 -25.40
N ASN E 80 -33.30 6.55 -25.09
CA ASN E 80 -32.71 7.13 -23.84
C ASN E 80 -33.24 6.33 -22.65
N ALA E 81 -34.54 6.08 -22.56
CA ALA E 81 -35.09 5.47 -21.33
C ALA E 81 -34.46 4.12 -21.18
N MET E 82 -34.17 3.45 -22.32
CA MET E 82 -33.72 2.05 -22.23
C MET E 82 -32.29 1.98 -21.85
N THR E 83 -31.58 3.00 -22.28
CA THR E 83 -30.15 3.22 -21.92
C THR E 83 -30.01 3.58 -20.43
N TYR E 84 -30.76 4.54 -19.91
CA TYR E 84 -30.43 5.03 -18.57
C TYR E 84 -30.97 4.06 -17.56
N ASN E 85 -32.21 3.64 -17.69
CA ASN E 85 -32.95 2.84 -16.68
C ASN E 85 -32.51 1.37 -16.73
N ARG E 86 -32.53 0.76 -15.56
CA ARG E 86 -32.27 -0.71 -15.44
C ARG E 86 -33.48 -1.50 -16.05
N PRO E 87 -33.23 -2.63 -16.76
CA PRO E 87 -34.35 -3.33 -17.36
C PRO E 87 -35.64 -3.71 -16.58
N ASP E 88 -35.52 -4.11 -15.30
CA ASP E 88 -36.74 -4.42 -14.49
C ASP E 88 -37.70 -3.22 -14.22
N THR E 89 -37.26 -1.97 -14.44
CA THR E 89 -37.99 -0.77 -13.97
C THR E 89 -39.18 -0.49 -14.92
N VAL E 90 -40.20 0.15 -14.35
CA VAL E 90 -41.34 0.61 -15.10
C VAL E 90 -40.97 1.49 -16.31
N TYR E 91 -39.96 2.32 -16.19
CA TYR E 91 -39.58 3.20 -17.31
C TYR E 91 -38.89 2.46 -18.47
N TYR E 92 -38.01 1.55 -18.24
CA TYR E 92 -37.47 0.72 -19.32
C TYR E 92 -38.56 -0.12 -19.98
N LYS E 93 -39.32 -0.88 -19.19
CA LYS E 93 -40.43 -1.62 -19.74
C LYS E 93 -41.34 -0.77 -20.67
N LEU E 94 -41.81 0.36 -20.19
CA LEU E 94 -42.83 1.11 -20.97
C LEU E 94 -42.09 1.55 -22.22
N ALA E 95 -40.82 1.91 -22.10
CA ALA E 95 -40.12 2.55 -23.27
C ALA E 95 -39.95 1.51 -24.42
N LYS E 96 -39.45 0.32 -24.07
CA LYS E 96 -39.39 -0.73 -25.01
C LYS E 96 -40.77 -1.11 -25.56
N LYS E 97 -41.83 -1.23 -24.73
CA LYS E 97 -43.18 -1.61 -25.21
C LYS E 97 -43.65 -0.54 -26.20
N ILE E 98 -43.60 0.72 -25.78
CA ILE E 98 -44.19 1.77 -26.70
C ILE E 98 -43.30 2.07 -27.89
N LEU E 99 -42.00 1.90 -27.78
CA LEU E 99 -41.21 2.07 -29.02
C LEU E 99 -41.66 1.09 -30.14
N HIS E 100 -41.72 -0.23 -29.89
CA HIS E 100 -42.20 -1.14 -30.95
C HIS E 100 -43.69 -0.90 -31.28
N ALA E 101 -44.60 -0.68 -30.29
CA ALA E 101 -46.05 -0.42 -30.69
C ALA E 101 -46.17 0.91 -31.41
N GLY E 102 -45.54 1.97 -30.93
CA GLY E 102 -45.59 3.22 -31.74
C GLY E 102 -45.12 3.15 -33.15
N PHE E 103 -44.02 2.48 -33.40
CA PHE E 103 -43.51 2.24 -34.73
C PHE E 103 -44.58 1.53 -35.60
N LYS E 104 -45.20 0.51 -35.09
CA LYS E 104 -46.22 -0.22 -35.86
C LYS E 104 -47.38 0.79 -36.16
N MET E 105 -47.78 1.56 -35.13
CA MET E 105 -48.97 2.39 -35.17
C MET E 105 -48.80 3.44 -36.29
N MET E 106 -47.58 3.88 -36.53
CA MET E 106 -47.24 5.03 -37.41
C MET E 106 -46.75 4.58 -38.77
N SER E 107 -46.86 3.27 -39.01
CA SER E 107 -46.71 2.75 -40.36
C SER E 107 -48.06 2.32 -40.93
N GLY F 4 -38.44 7.28 -6.80
CA GLY F 4 -39.04 6.19 -7.64
C GLY F 4 -38.26 5.82 -8.89
N GLY F 6 -34.31 5.93 -11.02
CA GLY F 6 -32.83 5.88 -10.71
C GLY F 6 -32.40 4.75 -9.74
N GLY F 7 -31.09 4.93 -9.64
CA GLY F 7 -30.16 4.30 -8.68
C GLY F 7 -29.81 5.28 -7.62
N GLY F 9 -26.77 8.31 -6.07
CA GLY F 9 -25.90 9.29 -6.74
C GLY F 9 -25.77 10.61 -6.00
#